data_6MJ8
#
_entry.id   6MJ8
#
_cell.length_a   50.124
_cell.length_b   58.639
_cell.length_c   109.831
_cell.angle_alpha   90.00
_cell.angle_beta   90.00
_cell.angle_gamma   90.00
#
_symmetry.space_group_name_H-M   'P 21 21 21'
#
loop_
_entity.id
_entity.type
_entity.pdbx_description
1 polymer 'Monopolin complex subunit CSM1'
2 polymer Mam1
#
loop_
_entity_poly.entity_id
_entity_poly.type
_entity_poly.pdbx_seq_one_letter_code
_entity_poly.pdbx_strand_id
1 'polypeptide(L)'
;ETIEIIKDLFEHLCGVRVHRTYEDDTGLWFDTSQGSKNGIMDYKLGFVKSQAENTTEVDTEVIYVPLLKQRTAEELQELQ
KKLPDYLFETLSFPLRSLNQFYIKMSKSLNKKV
;
A,B
2 'polypeptide(L)' NVQKYIPPTILTKRRNMESFNDCKVNTKDIISFKDVNQEYETWLDKHLSLAKDRD C,D
#
# COMPACT_ATOMS: atom_id res chain seq x y z
N THR A 2 -3.83 -9.04 -14.37
CA THR A 2 -4.51 -7.86 -13.84
C THR A 2 -4.38 -7.81 -12.33
N ILE A 3 -4.71 -8.94 -11.72
CA ILE A 3 -4.59 -9.10 -10.27
C ILE A 3 -3.14 -8.99 -9.85
N GLU A 4 -2.25 -9.57 -10.64
CA GLU A 4 -0.83 -9.55 -10.32
C GLU A 4 -0.26 -8.15 -10.42
N ILE A 5 -0.72 -7.34 -11.39
CA ILE A 5 -0.20 -5.99 -11.54
C ILE A 5 -0.54 -5.15 -10.33
N ILE A 6 -1.73 -5.38 -9.74
CA ILE A 6 -2.08 -4.70 -8.49
C ILE A 6 -1.09 -5.06 -7.40
N LYS A 7 -0.86 -6.36 -7.18
CA LYS A 7 0.08 -6.80 -6.16
C LYS A 7 1.49 -6.29 -6.47
N ASP A 8 1.86 -6.26 -7.75
CA ASP A 8 3.20 -5.82 -8.11
C ASP A 8 3.39 -4.33 -7.84
N LEU A 9 2.36 -3.52 -8.16
CA LEU A 9 2.44 -2.10 -7.89
C LEU A 9 2.62 -1.83 -6.41
N PHE A 10 1.78 -2.44 -5.58
CA PHE A 10 1.83 -2.19 -4.14
C PHE A 10 3.06 -2.77 -3.49
N GLU A 11 3.74 -3.70 -4.16
CA GLU A 11 5.01 -4.18 -3.62
C GLU A 11 6.05 -3.06 -3.63
N HIS A 12 6.13 -2.32 -4.73
CA HIS A 12 7.11 -1.25 -4.86
C HIS A 12 6.64 0.03 -4.20
N LEU A 13 5.34 0.30 -4.26
CA LEU A 13 4.80 1.53 -3.71
C LEU A 13 4.89 1.55 -2.19
N CYS A 14 4.48 0.46 -1.54
CA CYS A 14 4.34 0.46 -0.08
C CYS A 14 5.18 -0.61 0.60
N GLY A 15 5.84 -1.48 -0.15
CA GLY A 15 6.60 -2.54 0.50
C GLY A 15 5.75 -3.59 1.16
N VAL A 16 4.54 -3.82 0.63
CA VAL A 16 3.61 -4.82 1.15
C VAL A 16 3.18 -5.70 -0.01
N ARG A 17 3.44 -7.00 0.12
CA ARG A 17 3.08 -7.99 -0.88
C ARG A 17 2.09 -8.96 -0.27
N VAL A 18 0.92 -9.08 -0.88
CA VAL A 18 -0.10 -10.02 -0.43
C VAL A 18 -0.01 -11.25 -1.33
N HIS A 19 0.52 -12.34 -0.78
CA HIS A 19 0.67 -13.56 -1.57
C HIS A 19 -0.69 -14.18 -1.88
N ARG A 20 -1.49 -14.41 -0.84
CA ARG A 20 -2.78 -15.06 -0.99
C ARG A 20 -3.81 -14.34 -0.12
N THR A 21 -5.08 -14.55 -0.47
CA THR A 21 -6.19 -14.21 0.40
C THR A 21 -7.11 -15.42 0.48
N TYR A 22 -7.69 -15.64 1.65
CA TYR A 22 -8.60 -16.76 1.84
C TYR A 22 -9.60 -16.40 2.92
N GLU A 23 -10.76 -17.03 2.84
CA GLU A 23 -11.88 -16.75 3.72
C GLU A 23 -12.30 -18.03 4.41
N ASP A 24 -12.37 -18.00 5.74
CA ASP A 24 -12.76 -19.19 6.49
C ASP A 24 -13.83 -18.82 7.51
N ASP A 25 -14.01 -19.67 8.52
CA ASP A 25 -15.04 -19.42 9.53
C ASP A 25 -14.68 -18.22 10.41
N THR A 26 -13.39 -18.10 10.77
CA THR A 26 -12.96 -16.96 11.58
C THR A 26 -13.17 -15.64 10.86
N GLY A 27 -13.04 -15.63 9.55
CA GLY A 27 -13.19 -14.42 8.77
C GLY A 27 -12.35 -14.48 7.51
N LEU A 28 -12.00 -13.30 7.00
CA LEU A 28 -11.25 -13.17 5.77
C LEU A 28 -9.80 -12.85 6.07
N TRP A 29 -8.88 -13.53 5.38
CA TRP A 29 -7.49 -13.52 5.74
C TRP A 29 -6.60 -13.16 4.56
N PHE A 30 -5.45 -12.55 4.88
CA PHE A 30 -4.42 -12.23 3.91
C PHE A 30 -3.10 -12.77 4.40
N ASP A 31 -2.30 -13.31 3.48
CA ASP A 31 -0.93 -13.73 3.77
C ASP A 31 0.00 -12.64 3.26
N THR A 32 0.69 -11.97 4.18
CA THR A 32 1.46 -10.78 3.84
C THR A 32 2.90 -10.93 4.34
N SER A 33 3.83 -10.40 3.53
CA SER A 33 5.20 -10.14 3.93
C SER A 33 5.49 -8.67 3.66
N GLN A 34 6.14 -7.99 4.60
CA GLN A 34 6.42 -6.57 4.45
C GLN A 34 7.85 -6.28 4.84
N GLY A 35 8.56 -5.54 4.00
CA GLY A 35 9.88 -5.08 4.34
C GLY A 35 10.74 -4.79 3.13
N SER A 36 12.00 -4.50 3.40
CA SER A 36 13.02 -4.23 2.40
C SER A 36 14.24 -5.03 2.79
N LYS A 37 15.42 -4.59 2.34
CA LYS A 37 16.65 -5.25 2.75
C LYS A 37 16.83 -5.21 4.27
N ASN A 38 16.44 -4.11 4.90
CA ASN A 38 16.74 -3.91 6.32
C ASN A 38 16.00 -4.90 7.20
N GLY A 39 14.76 -5.21 6.85
CA GLY A 39 13.95 -6.08 7.68
C GLY A 39 12.70 -6.50 6.94
N ILE A 40 12.31 -7.75 7.09
CA ILE A 40 11.11 -8.31 6.49
C ILE A 40 10.25 -8.84 7.62
N MET A 41 8.93 -8.73 7.48
CA MET A 41 8.01 -9.24 8.49
C MET A 41 6.90 -10.02 7.82
N ASP A 42 6.75 -11.29 8.19
CA ASP A 42 5.71 -12.17 7.67
C ASP A 42 4.56 -12.23 8.65
N TYR A 43 3.35 -11.92 8.18
CA TYR A 43 2.20 -11.97 9.07
C TYR A 43 0.93 -12.30 8.31
N LYS A 44 -0.14 -12.56 9.07
CA LYS A 44 -1.48 -12.79 8.57
C LYS A 44 -2.38 -11.67 9.04
N LEU A 45 -3.18 -11.13 8.13
CA LEU A 45 -4.16 -10.08 8.42
C LEU A 45 -5.54 -10.67 8.32
N GLY A 46 -6.29 -10.60 9.41
CA GLY A 46 -7.64 -11.18 9.46
C GLY A 46 -8.65 -10.18 9.97
N PHE A 47 -9.84 -10.18 9.35
CA PHE A 47 -10.92 -9.27 9.69
C PHE A 47 -12.14 -10.07 10.10
N VAL A 48 -12.80 -9.64 11.17
CA VAL A 48 -14.01 -10.30 11.66
C VAL A 48 -15.22 -9.37 11.49
N THR A 60 -16.04 -3.39 12.82
CA THR A 60 -15.19 -4.55 12.55
C THR A 60 -13.89 -4.48 13.34
N GLU A 61 -13.17 -5.60 13.39
CA GLU A 61 -11.90 -5.68 14.09
C GLU A 61 -10.92 -6.45 13.22
N VAL A 62 -9.63 -6.15 13.38
CA VAL A 62 -8.57 -6.73 12.56
C VAL A 62 -7.64 -7.53 13.46
N ILE A 63 -7.19 -8.69 12.96
CA ILE A 63 -6.31 -9.59 13.70
C ILE A 63 -4.96 -9.63 13.00
N TYR A 64 -3.89 -9.60 13.80
CA TYR A 64 -2.52 -9.55 13.29
C TYR A 64 -1.76 -10.73 13.89
N VAL A 65 -1.41 -11.70 13.06
CA VAL A 65 -0.69 -12.90 13.49
C VAL A 65 0.71 -12.86 12.89
N PRO A 66 1.77 -12.84 13.71
CA PRO A 66 3.13 -12.79 13.16
C PRO A 66 3.76 -14.18 13.04
N LEU A 67 4.38 -14.46 11.91
CA LEU A 67 4.96 -15.78 11.65
C LEU A 67 6.46 -15.71 11.92
N LEU A 68 6.83 -16.11 13.12
CA LEU A 68 8.21 -16.05 13.59
C LEU A 68 8.89 -17.41 13.62
N LYS A 69 8.17 -18.49 13.34
CA LYS A 69 8.77 -19.81 13.48
C LYS A 69 9.75 -20.12 12.36
N GLN A 70 9.42 -19.72 11.13
CA GLN A 70 10.33 -19.94 10.03
C GLN A 70 11.60 -19.10 10.17
N ARG A 71 11.52 -18.01 10.92
CA ARG A 71 12.64 -17.09 11.03
C ARG A 71 13.76 -17.68 11.88
N THR A 72 14.99 -17.28 11.54
CA THR A 72 16.16 -17.72 12.29
C THR A 72 16.31 -16.87 13.54
N ALA A 73 17.18 -17.32 14.45
CA ALA A 73 17.45 -16.53 15.64
C ALA A 73 18.13 -15.21 15.28
N GLU A 74 19.10 -15.25 14.37
CA GLU A 74 19.76 -14.04 13.93
C GLU A 74 18.77 -13.06 13.30
N GLU A 75 17.81 -13.57 12.53
CA GLU A 75 16.79 -12.72 11.95
C GLU A 75 15.93 -12.08 13.03
N LEU A 76 15.53 -12.86 14.03
CA LEU A 76 14.69 -12.33 15.11
C LEU A 76 15.39 -11.23 15.89
N GLN A 77 16.70 -11.40 16.13
CA GLN A 77 17.45 -10.44 16.93
C GLN A 77 17.42 -9.04 16.32
N GLU A 78 17.75 -8.94 15.02
CA GLU A 78 17.72 -7.65 14.34
C GLU A 78 16.32 -7.03 14.40
N LEU A 79 15.29 -7.84 14.19
CA LEU A 79 13.92 -7.34 14.26
C LEU A 79 13.57 -6.84 15.65
N GLN A 80 14.08 -7.50 16.71
CA GLN A 80 13.71 -7.12 18.06
C GLN A 80 14.30 -5.76 18.46
N LYS A 81 15.47 -5.42 17.92
CA LYS A 81 16.01 -4.08 18.17
C LYS A 81 15.14 -3.01 17.52
N LYS A 82 14.72 -3.26 16.28
CA LYS A 82 13.93 -2.30 15.52
C LYS A 82 12.45 -2.31 15.90
N LEU A 83 11.93 -3.43 16.39
CA LEU A 83 10.50 -3.48 16.56
C LEU A 83 10.12 -3.39 18.03
N PRO A 84 8.96 -2.80 18.32
CA PRO A 84 8.46 -2.77 19.69
C PRO A 84 8.07 -4.16 20.16
N ASP A 85 7.85 -4.28 21.47
CA ASP A 85 7.55 -5.58 22.04
C ASP A 85 6.18 -6.10 21.59
N TYR A 86 5.20 -5.20 21.45
CA TYR A 86 3.85 -5.64 21.11
C TYR A 86 3.79 -6.26 19.72
N LEU A 87 4.69 -5.85 18.81
CA LEU A 87 4.62 -6.29 17.42
C LEU A 87 4.91 -7.77 17.25
N PHE A 88 5.59 -8.41 18.20
CA PHE A 88 5.90 -9.83 18.10
C PHE A 88 4.77 -10.72 18.59
N GLU A 89 3.78 -10.16 19.27
CA GLU A 89 2.62 -10.90 19.74
C GLU A 89 1.41 -10.65 18.84
N THR A 90 0.50 -11.61 18.80
CA THR A 90 -0.72 -11.49 18.00
C THR A 90 -1.58 -10.36 18.56
N LEU A 91 -2.01 -9.45 17.69
CA LEU A 91 -2.71 -8.23 18.11
C LEU A 91 -4.09 -8.16 17.49
N SER A 92 -5.02 -7.57 18.25
CA SER A 92 -6.37 -7.28 17.79
C SER A 92 -6.60 -5.78 17.90
N PHE A 93 -7.04 -5.16 16.82
CA PHE A 93 -7.26 -3.72 16.82
C PHE A 93 -8.37 -3.38 15.83
N PRO A 94 -9.03 -2.25 16.00
CA PRO A 94 -10.11 -1.86 15.09
C PRO A 94 -9.60 -1.49 13.71
N LEU A 95 -10.52 -1.47 12.76
CA LEU A 95 -10.18 -1.24 11.36
C LEU A 95 -9.69 0.19 11.12
N ARG A 96 -10.25 1.16 11.84
CA ARG A 96 -9.83 2.54 11.65
C ARG A 96 -8.33 2.70 11.88
N SER A 97 -7.77 1.95 12.83
CA SER A 97 -6.36 2.02 13.14
C SER A 97 -5.47 1.25 12.17
N LEU A 98 -6.02 0.69 11.09
CA LEU A 98 -5.24 -0.23 10.26
C LEU A 98 -4.08 0.50 9.57
N ASN A 99 -4.28 1.76 9.17
CA ASN A 99 -3.18 2.49 8.54
C ASN A 99 -2.11 2.84 9.55
N GLN A 100 -2.52 3.17 10.79
CA GLN A 100 -1.55 3.44 11.85
C GLN A 100 -0.57 2.27 12.01
N PHE A 101 -1.10 1.04 11.97
CA PHE A 101 -0.26 -0.15 12.09
C PHE A 101 0.74 -0.24 10.93
N TYR A 102 0.25 -0.02 9.70
CA TYR A 102 1.15 -0.03 8.56
C TYR A 102 2.27 0.98 8.75
N ILE A 103 1.91 2.19 9.21
CA ILE A 103 2.91 3.23 9.45
C ILE A 103 4.01 2.71 10.36
N LYS A 104 3.64 2.28 11.58
CA LYS A 104 4.61 1.82 12.55
C LYS A 104 5.43 0.65 12.03
N MET A 105 4.79 -0.25 11.27
CA MET A 105 5.50 -1.44 10.78
C MET A 105 6.55 -1.05 9.75
N SER A 106 6.13 -0.40 8.66
CA SER A 106 7.08 0.02 7.63
C SER A 106 8.17 0.91 8.22
N LYS A 107 7.80 1.78 9.15
CA LYS A 107 8.76 2.71 9.73
C LYS A 107 9.77 2.01 10.62
N SER A 108 9.33 0.99 11.37
CA SER A 108 10.24 0.29 12.27
C SER A 108 11.25 -0.55 11.50
N LEU A 109 10.79 -1.24 10.44
CA LEU A 109 11.70 -2.07 9.65
C LEU A 109 12.79 -1.23 9.00
N ASN A 110 12.42 -0.05 8.48
CA ASN A 110 13.42 0.83 7.86
C ASN A 110 14.40 1.39 8.86
N LYS A 111 14.04 1.45 10.13
CA LYS A 111 14.93 1.94 11.18
C LYS A 111 16.26 1.17 11.23
N THR B 2 -11.42 -12.72 -4.74
CA THR B 2 -11.58 -11.64 -5.70
C THR B 2 -10.53 -10.55 -5.50
N ILE B 3 -10.47 -9.62 -6.45
CA ILE B 3 -9.48 -8.55 -6.42
C ILE B 3 -10.04 -7.26 -5.83
N GLU B 4 -11.37 -7.13 -5.75
CA GLU B 4 -11.95 -5.94 -5.13
C GLU B 4 -11.58 -5.89 -3.65
N ILE B 5 -11.46 -7.06 -3.02
CA ILE B 5 -11.04 -7.09 -1.62
C ILE B 5 -9.61 -6.58 -1.48
N ILE B 6 -8.75 -6.95 -2.43
CA ILE B 6 -7.36 -6.48 -2.38
C ILE B 6 -7.31 -4.95 -2.47
N LYS B 7 -8.06 -4.38 -3.41
CA LYS B 7 -8.12 -2.92 -3.50
C LYS B 7 -8.67 -2.31 -2.22
N ASP B 8 -9.69 -2.95 -1.63
CA ASP B 8 -10.26 -2.46 -0.39
C ASP B 8 -9.25 -2.52 0.75
N LEU B 9 -8.35 -3.50 0.71
CA LEU B 9 -7.36 -3.64 1.78
C LEU B 9 -6.34 -2.51 1.75
N PHE B 10 -5.93 -2.09 0.55
CA PHE B 10 -4.87 -1.08 0.46
C PHE B 10 -5.38 0.33 0.73
N GLU B 11 -6.67 0.60 0.50
CA GLU B 11 -7.25 1.86 0.94
C GLU B 11 -7.02 2.09 2.42
N HIS B 12 -7.34 1.08 3.23
CA HIS B 12 -7.25 1.23 4.69
C HIS B 12 -5.85 1.00 5.21
N LEU B 13 -5.12 0.05 4.61
CA LEU B 13 -3.75 -0.20 5.05
C LEU B 13 -2.82 0.91 4.58
N CYS B 14 -2.85 1.23 3.28
CA CYS B 14 -1.86 2.08 2.67
C CYS B 14 -2.36 3.48 2.33
N GLY B 15 -3.66 3.74 2.42
CA GLY B 15 -4.17 5.04 2.06
C GLY B 15 -4.18 5.32 0.57
N VAL B 16 -4.15 4.28 -0.25
CA VAL B 16 -4.07 4.39 -1.70
C VAL B 16 -5.16 3.55 -2.32
N ARG B 17 -5.98 4.16 -3.18
CA ARG B 17 -7.06 3.47 -3.86
C ARG B 17 -6.77 3.42 -5.35
N VAL B 18 -6.76 2.21 -5.91
CA VAL B 18 -6.60 2.01 -7.34
C VAL B 18 -7.98 1.96 -7.97
N HIS B 19 -8.29 2.95 -8.80
CA HIS B 19 -9.57 2.98 -9.49
C HIS B 19 -9.58 2.06 -10.70
N ARG B 20 -8.55 2.14 -11.54
CA ARG B 20 -8.52 1.46 -12.83
C ARG B 20 -7.09 1.03 -13.14
N THR B 21 -6.97 -0.03 -13.93
CA THR B 21 -5.70 -0.41 -14.54
C THR B 21 -5.93 -0.59 -16.03
N TYR B 22 -5.07 0.02 -16.84
CA TYR B 22 -5.16 -0.13 -18.29
C TYR B 22 -3.78 0.01 -18.89
N GLU B 23 -3.62 -0.53 -20.09
CA GLU B 23 -2.36 -0.53 -20.81
C GLU B 23 -2.59 0.12 -22.17
N ASP B 24 -1.89 1.22 -22.43
CA ASP B 24 -1.93 1.86 -23.74
C ASP B 24 -0.56 1.72 -24.40
N ASP B 25 -0.41 2.35 -25.57
CA ASP B 25 0.83 2.20 -26.33
C ASP B 25 2.01 2.89 -25.66
N THR B 26 1.76 3.91 -24.84
CA THR B 26 2.82 4.53 -24.06
C THR B 26 3.29 3.60 -22.93
N GLY B 27 2.37 2.92 -22.28
CA GLY B 27 2.72 2.04 -21.18
C GLY B 27 1.49 1.67 -20.35
N LEU B 28 1.77 1.18 -19.15
CA LEU B 28 0.75 0.71 -18.22
C LEU B 28 0.42 1.82 -17.23
N TRP B 29 -0.87 2.03 -16.96
CA TRP B 29 -1.31 3.14 -16.12
C TRP B 29 -2.30 2.67 -15.06
N PHE B 30 -2.40 3.47 -13.99
CA PHE B 30 -3.36 3.28 -12.92
C PHE B 30 -3.98 4.62 -12.57
N ASP B 31 -5.30 4.67 -12.49
CA ASP B 31 -6.00 5.83 -11.94
C ASP B 31 -6.00 5.70 -10.42
N THR B 32 -5.31 6.60 -9.74
CA THR B 32 -5.03 6.42 -8.31
C THR B 32 -5.42 7.66 -7.52
N SER B 33 -6.00 7.42 -6.34
CA SER B 33 -6.29 8.47 -5.37
C SER B 33 -5.73 8.03 -4.03
N GLN B 34 -5.06 8.94 -3.34
CA GLN B 34 -4.39 8.59 -2.10
C GLN B 34 -4.61 9.70 -1.09
N GLY B 35 -5.06 9.34 0.11
CA GLY B 35 -5.16 10.29 1.19
C GLY B 35 -6.24 9.93 2.18
N SER B 36 -6.51 10.89 3.05
CA SER B 36 -7.48 10.74 4.13
C SER B 36 -8.45 11.91 4.05
N LYS B 37 -9.13 12.20 5.17
CA LYS B 37 -9.95 13.40 5.22
C LYS B 37 -9.09 14.66 5.11
N ASN B 38 -7.89 14.63 5.71
CA ASN B 38 -7.04 15.81 5.78
C ASN B 38 -6.54 16.23 4.40
N GLY B 39 -6.37 15.28 3.49
CA GLY B 39 -5.86 15.60 2.17
C GLY B 39 -5.97 14.45 1.19
N ILE B 40 -6.53 14.71 0.00
CA ILE B 40 -6.70 13.71 -1.04
C ILE B 40 -6.03 14.22 -2.30
N MET B 41 -5.30 13.34 -2.98
CA MET B 41 -4.63 13.68 -4.23
C MET B 41 -4.94 12.60 -5.26
N ASP B 42 -5.37 13.04 -6.44
CA ASP B 42 -5.66 12.14 -7.55
C ASP B 42 -4.54 12.24 -8.58
N TYR B 43 -4.10 11.09 -9.09
CA TYR B 43 -3.00 11.07 -10.04
C TYR B 43 -3.06 9.82 -10.91
N LYS B 44 -2.16 9.79 -11.88
CA LYS B 44 -1.93 8.64 -12.76
C LYS B 44 -0.52 8.13 -12.54
N LEU B 45 -0.38 6.85 -12.28
CA LEU B 45 0.93 6.22 -12.25
C LEU B 45 1.14 5.47 -13.56
N GLY B 46 2.27 5.71 -14.20
CA GLY B 46 2.62 5.02 -15.43
C GLY B 46 3.96 4.35 -15.29
N PHE B 47 4.11 3.23 -15.99
CA PHE B 47 5.33 2.43 -15.94
C PHE B 47 5.81 2.18 -17.37
N VAL B 48 7.03 2.64 -17.67
CA VAL B 48 7.61 2.44 -19.00
C VAL B 48 8.92 1.64 -18.93
N THR B 60 12.90 0.57 -15.95
CA THR B 60 11.49 0.90 -16.13
C THR B 60 11.20 2.32 -15.63
N GLU B 61 10.95 3.23 -16.56
CA GLU B 61 10.63 4.62 -16.21
C GLU B 61 9.22 4.69 -15.64
N VAL B 62 9.07 5.51 -14.59
CA VAL B 62 7.80 5.66 -13.88
C VAL B 62 7.31 7.08 -14.08
N ILE B 63 6.04 7.24 -14.45
CA ILE B 63 5.47 8.54 -14.78
C ILE B 63 4.26 8.79 -13.88
N TYR B 64 4.33 9.88 -13.11
CA TYR B 64 3.26 10.29 -12.20
C TYR B 64 2.65 11.57 -12.76
N VAL B 65 1.34 11.54 -12.98
CA VAL B 65 0.61 12.66 -13.57
C VAL B 65 -0.35 13.19 -12.51
N PRO B 66 -0.13 14.40 -11.99
CA PRO B 66 -1.06 14.95 -11.00
C PRO B 66 -2.28 15.52 -11.68
N LEU B 67 -3.44 15.31 -11.08
CA LEU B 67 -4.71 15.72 -11.66
C LEU B 67 -5.27 16.89 -10.86
N LEU B 68 -5.18 18.09 -11.42
CA LEU B 68 -5.61 19.31 -10.75
C LEU B 68 -6.65 20.11 -11.54
N LYS B 69 -6.94 19.73 -12.78
CA LYS B 69 -7.87 20.50 -13.59
C LYS B 69 -9.23 20.61 -12.92
N GLN B 70 -9.79 19.48 -12.47
CA GLN B 70 -11.10 19.47 -11.85
C GLN B 70 -11.06 19.80 -10.36
N ARG B 71 -9.90 20.13 -9.82
CA ARG B 71 -9.78 20.34 -8.40
C ARG B 71 -10.36 21.69 -7.99
N THR B 72 -10.90 21.73 -6.76
CA THR B 72 -11.48 22.95 -6.24
C THR B 72 -10.39 23.91 -5.81
N ALA B 73 -10.63 25.21 -6.03
CA ALA B 73 -9.67 26.21 -5.59
C ALA B 73 -9.49 26.18 -4.08
N GLU B 74 -10.57 25.95 -3.33
CA GLU B 74 -10.47 25.84 -1.88
C GLU B 74 -9.63 24.64 -1.46
N GLU B 75 -9.63 23.58 -2.27
CA GLU B 75 -8.87 22.38 -1.94
C GLU B 75 -7.39 22.49 -2.26
N LEU B 76 -7.01 23.42 -3.13
CA LEU B 76 -5.66 23.39 -3.70
C LEU B 76 -4.63 24.02 -2.77
N GLN B 77 -4.91 25.22 -2.24
CA GLN B 77 -3.92 25.89 -1.39
C GLN B 77 -3.67 25.10 -0.12
N GLU B 78 -4.68 24.37 0.38
CA GLU B 78 -4.44 23.47 1.50
C GLU B 78 -3.46 22.37 1.11
N LEU B 79 -3.59 21.83 -0.10
CA LEU B 79 -2.57 20.92 -0.62
C LEU B 79 -1.24 21.66 -0.78
N GLN B 80 -1.29 22.86 -1.35
CA GLN B 80 -0.06 23.65 -1.54
C GLN B 80 0.58 24.01 -0.21
N LYS B 81 -0.22 24.16 0.85
CA LYS B 81 0.36 24.36 2.18
C LYS B 81 1.05 23.10 2.67
N LYS B 82 0.51 21.92 2.34
CA LYS B 82 1.00 20.67 2.86
C LYS B 82 2.00 19.98 1.94
N LEU B 83 1.97 20.28 0.64
CA LEU B 83 2.73 19.49 -0.33
C LEU B 83 3.77 20.35 -1.05
N PRO B 84 4.90 19.75 -1.43
CA PRO B 84 5.98 20.50 -2.08
C PRO B 84 5.69 20.83 -3.54
N ASP B 85 6.44 21.82 -4.04
CA ASP B 85 6.27 22.31 -5.40
C ASP B 85 6.28 21.17 -6.42
N TYR B 86 7.24 20.26 -6.29
CA TYR B 86 7.41 19.21 -7.29
C TYR B 86 6.19 18.29 -7.34
N LEU B 87 5.49 18.12 -6.22
CA LEU B 87 4.34 17.23 -6.18
C LEU B 87 3.18 17.72 -7.04
N PHE B 88 3.14 19.01 -7.38
CA PHE B 88 2.11 19.53 -8.27
C PHE B 88 2.54 19.52 -9.73
N GLU B 89 3.73 19.03 -10.03
CA GLU B 89 4.22 18.95 -11.40
C GLU B 89 4.28 17.51 -11.85
N THR B 90 4.09 17.29 -13.15
CA THR B 90 4.28 15.96 -13.72
C THR B 90 5.75 15.55 -13.64
N LEU B 91 5.99 14.31 -13.19
CA LEU B 91 7.34 13.86 -12.93
C LEU B 91 7.61 12.53 -13.63
N SER B 92 8.92 12.23 -13.76
CA SER B 92 9.41 10.96 -14.30
C SER B 92 10.56 10.51 -13.41
N PHE B 93 10.55 9.25 -12.99
CA PHE B 93 11.59 8.77 -12.08
C PHE B 93 11.68 7.25 -12.18
N PRO B 94 12.78 6.66 -11.70
CA PRO B 94 12.99 5.22 -11.84
C PRO B 94 12.17 4.43 -10.82
N LEU B 95 12.17 3.10 -11.03
CA LEU B 95 11.28 2.23 -10.27
C LEU B 95 11.70 2.09 -8.83
N ARG B 96 13.01 2.06 -8.56
CA ARG B 96 13.49 1.88 -7.19
C ARG B 96 13.02 2.99 -6.28
N SER B 97 12.77 4.18 -6.84
CA SER B 97 12.41 5.35 -6.03
C SER B 97 10.95 5.37 -5.63
N LEU B 98 10.14 4.41 -6.10
CA LEU B 98 8.69 4.53 -5.95
C LEU B 98 8.27 4.54 -4.49
N ASN B 99 8.93 3.74 -3.64
CA ASN B 99 8.55 3.72 -2.24
C ASN B 99 8.76 5.09 -1.60
N GLN B 100 9.92 5.71 -1.87
CA GLN B 100 10.18 7.06 -1.36
C GLN B 100 9.11 8.04 -1.81
N PHE B 101 8.72 7.97 -3.09
CA PHE B 101 7.65 8.81 -3.57
C PHE B 101 6.39 8.61 -2.73
N TYR B 102 6.06 7.35 -2.42
CA TYR B 102 4.92 7.10 -1.54
C TYR B 102 5.14 7.75 -0.18
N ILE B 103 6.37 7.72 0.32
CA ILE B 103 6.64 8.33 1.62
C ILE B 103 6.49 9.84 1.54
N LYS B 104 6.90 10.43 0.43
CA LYS B 104 6.68 11.86 0.22
C LYS B 104 5.19 12.19 0.18
N MET B 105 4.44 11.43 -0.64
CA MET B 105 3.00 11.68 -0.79
C MET B 105 2.25 11.43 0.50
N SER B 106 2.55 10.33 1.19
CA SER B 106 1.86 10.01 2.43
C SER B 106 2.11 11.08 3.50
N LYS B 107 3.40 11.38 3.75
CA LYS B 107 3.74 12.31 4.83
C LYS B 107 3.12 13.68 4.60
N SER B 108 3.16 14.16 3.35
CA SER B 108 2.63 15.49 3.07
C SER B 108 1.13 15.57 3.31
N LEU B 109 0.41 14.46 3.13
CA LEU B 109 -1.03 14.46 3.25
C LEU B 109 -1.51 14.49 4.70
N ASN B 110 -0.68 14.03 5.63
CA ASN B 110 -1.06 13.95 7.03
C ASN B 110 -0.66 15.18 7.83
N LYS B 111 -0.30 16.27 7.16
CA LYS B 111 0.02 17.51 7.86
C LYS B 111 -1.21 18.14 8.46
N TYR C 5 -14.98 -8.75 5.84
CA TYR C 5 -15.43 -7.69 4.94
C TYR C 5 -14.87 -6.32 5.36
N ILE C 6 -14.68 -5.44 4.39
CA ILE C 6 -14.02 -4.16 4.62
C ILE C 6 -14.98 -3.05 4.15
N PRO C 7 -15.31 -2.08 5.01
CA PRO C 7 -16.20 -1.00 4.57
C PRO C 7 -15.53 -0.12 3.52
N PRO C 8 -16.32 0.52 2.66
CA PRO C 8 -15.74 1.38 1.63
C PRO C 8 -15.05 2.58 2.24
N THR C 9 -13.95 2.98 1.61
CA THR C 9 -13.18 4.13 2.04
C THR C 9 -13.71 5.37 1.35
N ILE C 10 -13.31 6.54 1.86
CA ILE C 10 -13.73 7.83 1.30
C ILE C 10 -13.26 7.98 -0.14
N LEU C 11 -12.12 7.38 -0.47
CA LEU C 11 -11.52 7.53 -1.80
C LEU C 11 -12.26 6.75 -2.88
N THR C 12 -13.16 5.83 -2.49
CA THR C 12 -13.90 5.06 -3.49
C THR C 12 -14.76 5.95 -4.38
N LYS C 13 -15.29 7.07 -3.84
CA LYS C 13 -16.20 7.92 -4.61
C LYS C 13 -15.52 8.48 -5.84
N ARG C 14 -14.20 8.67 -5.78
CA ARG C 14 -13.51 9.42 -6.80
C ARG C 14 -13.27 8.60 -8.06
N ARG C 15 -13.79 7.38 -8.11
CA ARG C 15 -13.60 6.54 -9.29
C ARG C 15 -14.29 7.15 -10.51
N ASN C 16 -15.46 7.78 -10.31
CA ASN C 16 -16.24 8.32 -11.42
C ASN C 16 -15.89 9.77 -11.73
N MET C 17 -14.81 10.30 -11.17
CA MET C 17 -14.49 11.71 -11.32
C MET C 17 -14.00 12.01 -12.74
N GLU C 18 -14.11 13.28 -13.12
CA GLU C 18 -13.97 13.62 -14.53
C GLU C 18 -12.51 13.62 -14.95
N SER C 19 -11.61 13.96 -14.01
CA SER C 19 -10.22 14.18 -14.38
C SER C 19 -9.58 12.88 -14.89
N PHE C 20 -10.09 11.74 -14.44
CA PHE C 20 -9.49 10.46 -14.83
C PHE C 20 -9.82 10.10 -16.27
N ASN C 21 -10.81 10.74 -16.88
CA ASN C 21 -11.34 10.25 -18.14
C ASN C 21 -10.33 10.35 -19.27
N ASP C 22 -9.56 11.43 -19.32
CA ASP C 22 -8.63 11.63 -20.41
C ASP C 22 -7.44 10.66 -20.32
N CYS C 23 -7.09 10.08 -21.47
CA CYS C 23 -5.96 9.18 -21.57
C CYS C 23 -4.89 9.70 -22.52
N LYS C 24 -5.01 10.93 -23.01
CA LYS C 24 -3.95 11.49 -23.85
C LYS C 24 -2.68 11.73 -23.05
N TYR D 5 5.65 -2.99 -17.24
CA TYR D 5 5.53 -4.08 -16.28
C TYR D 5 6.47 -3.85 -15.10
N ILE D 6 6.35 -4.70 -14.09
CA ILE D 6 6.98 -4.48 -12.79
C ILE D 6 7.81 -5.72 -12.44
N PRO D 7 9.10 -5.56 -12.15
CA PRO D 7 9.97 -6.70 -11.96
C PRO D 7 9.77 -7.32 -10.59
N PRO D 8 10.28 -8.54 -10.39
CA PRO D 8 10.13 -9.21 -9.08
C PRO D 8 10.92 -8.52 -7.98
N THR D 9 10.47 -8.74 -6.75
CA THR D 9 11.07 -8.20 -5.53
C THR D 9 11.34 -9.35 -4.57
N ILE D 10 12.11 -9.04 -3.52
CA ILE D 10 12.46 -10.05 -2.53
C ILE D 10 11.21 -10.60 -1.84
N LEU D 11 10.14 -9.79 -1.74
CA LEU D 11 8.95 -10.24 -1.03
C LEU D 11 8.22 -11.34 -1.78
N THR D 12 8.37 -11.39 -3.12
CA THR D 12 7.64 -12.38 -3.91
C THR D 12 8.06 -13.80 -3.57
N LYS D 13 9.36 -14.02 -3.32
CA LYS D 13 9.85 -15.38 -3.02
C LYS D 13 9.19 -15.97 -1.78
N ARG D 14 8.76 -15.12 -0.85
CA ARG D 14 8.28 -15.59 0.45
C ARG D 14 6.91 -16.27 0.36
N ARG D 15 6.24 -16.18 -0.79
CA ARG D 15 4.93 -16.82 -0.93
C ARG D 15 5.02 -18.32 -0.65
N ASN D 16 6.08 -18.97 -1.12
CA ASN D 16 6.19 -20.42 -1.01
C ASN D 16 6.52 -20.89 0.39
N MET D 17 6.75 -19.98 1.35
CA MET D 17 7.30 -20.34 2.65
C MET D 17 6.28 -21.13 3.48
N GLU D 18 6.80 -21.95 4.39
CA GLU D 18 5.96 -22.95 5.03
C GLU D 18 5.11 -22.34 6.13
N SER D 19 5.53 -21.20 6.69
CA SER D 19 4.83 -20.63 7.84
C SER D 19 3.41 -20.22 7.45
N PHE D 20 3.22 -19.77 6.21
CA PHE D 20 1.90 -19.34 5.78
C PHE D 20 0.94 -20.52 5.67
N ASN D 21 1.45 -21.74 5.53
CA ASN D 21 0.60 -22.87 5.15
C ASN D 21 -0.39 -23.25 6.26
N ASP D 22 0.01 -23.12 7.51
CA ASP D 22 -0.85 -23.52 8.62
C ASP D 22 -1.81 -22.40 8.99
N CYS D 23 -3.10 -22.66 8.88
CA CYS D 23 -4.14 -21.73 9.29
C CYS D 23 -5.07 -22.46 10.25
N LYS D 24 -5.13 -22.00 11.49
CA LYS D 24 -5.97 -22.64 12.50
C LYS D 24 -6.58 -21.63 13.47
#